data_3V36
#
_entry.id   3V36
#
_cell.length_a   47.291
_cell.length_b   66.588
_cell.length_c   49.337
_cell.angle_alpha   90.00
_cell.angle_beta   91.83
_cell.angle_gamma   90.00
#
_symmetry.space_group_name_H-M   'P 1 21 1'
#
loop_
_entity.id
_entity.type
_entity.pdbx_description
1 polymer 'Aldose reductase'
2 non-polymer 'NADP NICOTINAMIDE-ADENINE-DINUCLEOTIDE PHOSPHATE'
3 non-polymer D-Glyceraldehyde
4 non-polymer pyridine
5 water water
#
_entity_poly.entity_id   1
_entity_poly.type   'polypeptide(L)'
_entity_poly.pdbx_seq_one_letter_code
;MGSSHHHHHHSSGLVPRGSHMASRLLLNNGAKMPILGLGTWKSPPGQVTEAVKVAIDVGYRHIDCAHVYQNENEVGVAIQ
EKLREQVVKREELFIVSKLWCTYHEKGLVKGACQKTLSDLKLDYLDLYLIHWPTGFKPGKEFFPLDESGNVVPSDTNILD
TWAAMEELVDEGLVKAIGISNFNHLQVEMILNKPGLKYKPAVNQIECHPYLTQEKLIQYCQSKGIVVTAYSPLGSPDRPW
AKPEDPSLLEDPRIKAIAAKHNKTTAQVLIRFPMQRNLVVIPKSVTPERIAENFKVFDFELSSQDMTTLLSYNRNWRVCA
LLSCTSHKDYPFHEEF
;
_entity_poly.pdbx_strand_id   A
#
loop_
_chem_comp.id
_chem_comp.type
_chem_comp.name
_chem_comp.formula
0PY non-polymer pyridine 'C5 H5 N'
3GR D-saccharide D-Glyceraldehyde 'C3 H6 O3'
NAP non-polymer 'NADP NICOTINAMIDE-ADENINE-DINUCLEOTIDE PHOSPHATE' 'C21 H28 N7 O17 P3'
#
# COMPACT_ATOMS: atom_id res chain seq x y z
N MET A 21 13.21 1.31 17.69
CA MET A 21 12.96 2.37 16.71
C MET A 21 11.60 3.02 16.90
N ALA A 22 11.43 4.19 16.28
CA ALA A 22 10.18 4.93 16.36
C ALA A 22 9.07 4.19 15.64
N SER A 23 7.86 4.23 16.21
CA SER A 23 6.71 3.53 15.64
C SER A 23 6.08 4.30 14.47
N ARG A 24 6.43 5.58 14.33
CA ARG A 24 5.88 6.41 13.27
C ARG A 24 6.99 7.17 12.56
N LEU A 25 6.76 7.55 11.31
CA LEU A 25 7.71 8.45 10.67
C LEU A 25 7.04 9.69 10.08
N LEU A 26 7.84 10.73 9.88
CA LEU A 26 7.33 12.03 9.46
C LEU A 26 7.07 12.11 7.95
N LEU A 27 5.88 12.57 7.59
CA LEU A 27 5.56 12.79 6.18
C LEU A 27 5.86 14.25 5.82
N ASN A 28 5.90 14.55 4.53
CA ASN A 28 6.18 15.91 4.09
C ASN A 28 5.02 16.89 4.24
N ASN A 29 3.89 16.41 4.75
CA ASN A 29 2.80 17.31 5.13
C ASN A 29 2.86 17.65 6.61
N GLY A 30 3.89 17.15 7.30
CA GLY A 30 4.03 17.39 8.72
C GLY A 30 3.35 16.37 9.61
N ALA A 31 2.67 15.39 9.02
CA ALA A 31 1.96 14.37 9.80
C ALA A 31 2.83 13.14 10.00
N LYS A 32 2.57 12.39 11.07
CA LYS A 32 3.28 11.16 11.35
C LYS A 32 2.49 9.93 10.93
N MET A 33 3.17 9.01 10.25
CA MET A 33 2.56 7.81 9.71
C MET A 33 3.10 6.56 10.42
N PRO A 34 2.21 5.73 10.97
CA PRO A 34 2.63 4.47 11.59
C PRO A 34 3.35 3.56 10.58
N ILE A 35 4.52 3.07 10.94
CA ILE A 35 5.35 2.29 10.02
C ILE A 35 4.81 0.87 9.85
N LEU A 36 3.88 0.48 10.73
CA LEU A 36 3.22 -0.82 10.57
C LEU A 36 1.71 -0.62 10.37
N GLY A 37 1.17 -1.21 9.31
CA GLY A 37 -0.26 -1.16 9.06
C GLY A 37 -0.84 -2.52 8.73
N LEU A 38 -2.17 -2.62 8.79
CA LEU A 38 -2.86 -3.85 8.38
C LEU A 38 -3.33 -3.73 6.93
N GLY A 39 -2.92 -4.66 6.07
CA GLY A 39 -3.41 -4.69 4.72
C GLY A 39 -4.78 -5.36 4.62
N THR A 40 -5.58 -5.00 3.61
CA THR A 40 -6.93 -5.53 3.46
C THR A 40 -7.31 -6.09 2.08
N TRP A 41 -6.35 -6.17 1.15
CA TRP A 41 -6.60 -6.75 -0.15
C TRP A 41 -6.79 -8.26 0.02
N LYS A 42 -7.91 -8.77 -0.52
CA LYS A 42 -8.31 -10.17 -0.42
C LYS A 42 -8.93 -10.58 0.93
N SER A 43 -9.09 -9.62 1.84
CA SER A 43 -9.76 -9.93 3.10
C SER A 43 -11.26 -10.04 2.85
N PRO A 44 -11.82 -11.25 3.03
CA PRO A 44 -13.25 -11.44 2.71
C PRO A 44 -14.18 -10.53 3.53
N PRO A 45 -15.27 -10.04 2.91
CA PRO A 45 -16.17 -9.08 3.59
C PRO A 45 -16.66 -9.60 4.94
N GLY A 46 -16.80 -10.92 5.06
CA GLY A 46 -17.33 -11.56 6.27
C GLY A 46 -16.29 -11.84 7.34
N GLN A 47 -15.04 -11.53 7.03
CA GLN A 47 -13.95 -11.70 7.98
C GLN A 47 -13.21 -10.40 8.30
N VAL A 48 -13.28 -9.41 7.41
CA VAL A 48 -12.40 -8.24 7.54
C VAL A 48 -12.85 -7.31 8.68
N THR A 49 -14.14 -7.32 9.00
CA THR A 49 -14.63 -6.48 10.10
C THR A 49 -14.00 -6.94 11.42
N GLU A 50 -14.05 -8.24 11.68
CA GLU A 50 -13.39 -8.78 12.88
C GLU A 50 -11.87 -8.61 12.80
N ALA A 51 -11.29 -8.77 11.62
CA ALA A 51 -9.85 -8.61 11.47
C ALA A 51 -9.39 -7.21 11.88
N VAL A 52 -10.09 -6.18 11.40
CA VAL A 52 -9.75 -4.79 11.74
C VAL A 52 -10.00 -4.46 13.22
N LYS A 53 -11.09 -4.97 13.77
CA LYS A 53 -11.38 -4.84 15.21
C LYS A 53 -10.26 -5.42 16.08
N VAL A 54 -9.84 -6.64 15.76
CA VAL A 54 -8.75 -7.32 16.46
C VAL A 54 -7.44 -6.55 16.33
N ALA A 55 -7.17 -6.06 15.11
CA ALA A 55 -5.96 -5.30 14.86
C ALA A 55 -5.90 -4.06 15.74
N ILE A 56 -6.97 -3.28 15.74
CA ILE A 56 -7.04 -2.10 16.62
C ILE A 56 -6.93 -2.48 18.10
N ASP A 57 -7.57 -3.57 18.50
CA ASP A 57 -7.47 -4.05 19.89
C ASP A 57 -6.02 -4.39 20.31
N VAL A 58 -5.22 -4.88 19.36
CA VAL A 58 -3.85 -5.27 19.67
C VAL A 58 -2.81 -4.19 19.35
N GLY A 59 -3.26 -3.00 18.94
CA GLY A 59 -2.38 -1.85 18.81
C GLY A 59 -2.18 -1.24 17.43
N TYR A 60 -2.69 -1.87 16.38
CA TYR A 60 -2.55 -1.30 15.04
C TYR A 60 -3.26 0.05 14.97
N ARG A 61 -2.65 1.00 14.29
CA ARG A 61 -3.19 2.36 14.17
C ARG A 61 -3.32 2.78 12.70
N HIS A 62 -2.87 1.91 11.80
CA HIS A 62 -2.79 2.24 10.38
C HIS A 62 -3.45 1.09 9.61
N ILE A 63 -4.45 1.43 8.81
CA ILE A 63 -5.16 0.46 7.98
C ILE A 63 -4.99 0.82 6.50
N ASP A 64 -4.61 -0.15 5.67
CA ASP A 64 -4.50 0.07 4.22
C ASP A 64 -5.73 -0.46 3.46
N CYS A 65 -6.40 0.43 2.73
CA CYS A 65 -7.67 0.13 2.07
C CYS A 65 -7.63 0.51 0.58
N ALA A 66 -8.66 0.10 -0.16
CA ALA A 66 -8.89 0.57 -1.53
C ALA A 66 -10.31 0.26 -1.94
N HIS A 67 -10.92 1.14 -2.72
CA HIS A 67 -12.26 0.91 -3.29
C HIS A 67 -12.30 -0.40 -4.07
N VAL A 68 -11.22 -0.67 -4.80
CA VAL A 68 -11.18 -1.81 -5.71
C VAL A 68 -11.16 -3.15 -4.93
N TYR A 69 -10.86 -3.10 -3.64
CA TYR A 69 -10.87 -4.33 -2.81
C TYR A 69 -12.29 -4.79 -2.47
N GLN A 70 -13.25 -3.89 -2.69
CA GLN A 70 -14.67 -4.17 -2.54
C GLN A 70 -15.09 -4.47 -1.10
N ASN A 71 -14.27 -4.09 -0.13
CA ASN A 71 -14.58 -4.37 1.27
C ASN A 71 -14.49 -3.16 2.19
N GLU A 72 -14.53 -1.96 1.62
CA GLU A 72 -14.38 -0.76 2.44
C GLU A 72 -15.55 -0.53 3.41
N ASN A 73 -16.76 -0.92 3.03
CA ASN A 73 -17.89 -0.79 3.96
C ASN A 73 -17.65 -1.60 5.24
N GLU A 74 -17.18 -2.83 5.07
CA GLU A 74 -16.97 -3.75 6.18
C GLU A 74 -15.77 -3.32 7.02
N VAL A 75 -14.71 -2.81 6.38
CA VAL A 75 -13.58 -2.23 7.11
C VAL A 75 -14.10 -1.06 7.95
N GLY A 76 -14.97 -0.26 7.35
CA GLY A 76 -15.52 0.92 8.00
C GLY A 76 -16.34 0.59 9.24
N VAL A 77 -17.09 -0.52 9.20
CA VAL A 77 -17.85 -0.97 10.35
C VAL A 77 -16.94 -1.17 11.55
N ALA A 78 -15.80 -1.84 11.31
CA ALA A 78 -14.82 -2.05 12.37
C ALA A 78 -14.29 -0.73 12.96
N ILE A 79 -13.82 0.16 12.09
CA ILE A 79 -13.28 1.47 12.50
C ILE A 79 -14.30 2.28 13.33
N GLN A 80 -15.54 2.33 12.84
CA GLN A 80 -16.58 3.09 13.51
C GLN A 80 -16.89 2.54 14.90
N GLU A 81 -16.97 1.21 15.01
CA GLU A 81 -17.24 0.59 16.29
C GLU A 81 -16.12 0.88 17.27
N LYS A 82 -14.86 0.81 16.81
CA LYS A 82 -13.74 1.07 17.72
C LYS A 82 -13.69 2.55 18.14
N LEU A 83 -14.07 3.44 17.23
CA LEU A 83 -14.20 4.86 17.55
C LEU A 83 -15.33 5.10 18.57
N ARG A 84 -16.48 4.48 18.32
CA ARG A 84 -17.64 4.59 19.21
C ARG A 84 -17.38 4.02 20.60
N GLU A 85 -16.72 2.86 20.65
CA GLU A 85 -16.34 2.21 21.91
C GLU A 85 -15.24 2.99 22.63
N GLN A 86 -14.70 4.00 21.97
CA GLN A 86 -13.54 4.76 22.47
C GLN A 86 -12.32 3.90 22.80
N VAL A 87 -12.08 2.87 21.96
CA VAL A 87 -10.86 2.07 22.02
C VAL A 87 -9.71 2.91 21.46
N VAL A 88 -10.06 3.80 20.52
CA VAL A 88 -9.09 4.66 19.87
C VAL A 88 -9.76 5.97 19.46
N LYS A 89 -9.01 7.06 19.44
CA LYS A 89 -9.51 8.33 18.91
C LYS A 89 -9.16 8.44 17.43
N ARG A 90 -9.92 9.25 16.68
CA ARG A 90 -9.73 9.35 15.23
C ARG A 90 -8.35 9.90 14.87
N GLU A 91 -7.91 10.88 15.66
CA GLU A 91 -6.59 11.48 15.51
C GLU A 91 -5.46 10.46 15.61
N GLU A 92 -5.73 9.35 16.29
CA GLU A 92 -4.73 8.30 16.49
C GLU A 92 -4.71 7.27 15.35
N LEU A 93 -5.74 7.29 14.51
CA LEU A 93 -5.80 6.37 13.38
C LEU A 93 -5.17 6.99 12.15
N PHE A 94 -4.61 6.14 11.29
CA PHE A 94 -4.06 6.60 10.02
C PHE A 94 -4.67 5.71 8.94
N ILE A 95 -5.71 6.22 8.28
CA ILE A 95 -6.43 5.44 7.29
C ILE A 95 -6.04 5.83 5.87
N VAL A 96 -5.63 4.83 5.08
CA VAL A 96 -5.19 5.03 3.72
C VAL A 96 -6.18 4.37 2.76
N SER A 97 -6.51 5.03 1.66
CA SER A 97 -7.21 4.38 0.57
C SER A 97 -6.60 4.82 -0.75
N LYS A 98 -7.18 4.36 -1.86
CA LYS A 98 -6.56 4.51 -3.16
C LYS A 98 -7.60 4.78 -4.24
N LEU A 99 -7.29 5.70 -5.14
CA LEU A 99 -8.13 6.05 -6.29
C LEU A 99 -7.99 5.01 -7.39
N TRP A 100 -9.08 4.33 -7.76
CA TRP A 100 -8.96 3.28 -8.76
C TRP A 100 -8.76 3.86 -10.18
N CYS A 101 -8.26 3.03 -11.09
CA CYS A 101 -7.86 3.44 -12.43
C CYS A 101 -8.98 4.01 -13.29
N THR A 102 -10.21 3.56 -13.05
CA THR A 102 -11.36 4.02 -13.83
C THR A 102 -11.89 5.37 -13.33
N TYR A 103 -11.18 5.99 -12.40
CA TYR A 103 -11.58 7.31 -11.91
C TYR A 103 -10.49 8.37 -12.08
N HIS A 104 -9.59 8.17 -13.05
CA HIS A 104 -8.53 9.15 -13.28
C HIS A 104 -9.00 10.49 -13.86
N GLU A 105 -10.14 10.48 -14.55
CA GLU A 105 -10.72 11.71 -15.09
C GLU A 105 -10.90 12.75 -13.99
N LYS A 106 -10.50 13.99 -14.27
CA LYS A 106 -10.58 15.07 -13.27
C LYS A 106 -11.93 15.21 -12.59
N GLY A 107 -13.01 15.11 -13.36
CA GLY A 107 -14.35 15.24 -12.83
C GLY A 107 -14.87 14.06 -12.02
N LEU A 108 -14.09 12.99 -11.90
CA LEU A 108 -14.56 11.80 -11.19
C LEU A 108 -13.82 11.56 -9.90
N VAL A 109 -12.73 12.30 -9.67
CA VAL A 109 -11.83 12.04 -8.55
C VAL A 109 -12.50 12.30 -7.19
N LYS A 110 -13.16 13.44 -7.06
CA LYS A 110 -13.79 13.80 -5.80
C LYS A 110 -14.86 12.78 -5.41
N GLY A 111 -15.66 12.38 -6.39
CA GLY A 111 -16.74 11.43 -6.16
C GLY A 111 -16.22 10.07 -5.72
N ALA A 112 -15.12 9.64 -6.30
CA ALA A 112 -14.48 8.37 -5.94
C ALA A 112 -13.99 8.46 -4.51
N CYS A 113 -13.39 9.60 -4.15
CA CYS A 113 -12.92 9.83 -2.80
C CYS A 113 -14.08 9.87 -1.81
N GLN A 114 -15.15 10.57 -2.20
CA GLN A 114 -16.34 10.66 -1.36
C GLN A 114 -16.99 9.31 -1.10
N LYS A 115 -16.94 8.42 -2.09
CA LYS A 115 -17.56 7.10 -1.95
C LYS A 115 -16.78 6.27 -0.93
N THR A 116 -15.45 6.38 -0.99
CA THR A 116 -14.57 5.70 -0.06
C THR A 116 -14.76 6.24 1.37
N LEU A 117 -14.88 7.56 1.50
CA LEU A 117 -15.15 8.19 2.78
C LEU A 117 -16.47 7.69 3.37
N SER A 118 -17.50 7.63 2.53
CA SER A 118 -18.82 7.18 2.92
C SER A 118 -18.82 5.70 3.37
N ASP A 119 -18.17 4.84 2.59
CA ASP A 119 -18.05 3.43 2.97
C ASP A 119 -17.25 3.25 4.28
N LEU A 120 -16.14 3.97 4.42
CA LEU A 120 -15.28 3.80 5.60
C LEU A 120 -15.86 4.51 6.81
N LYS A 121 -16.90 5.31 6.56
CA LYS A 121 -17.60 6.12 7.56
C LYS A 121 -16.68 7.15 8.22
N LEU A 122 -15.88 7.83 7.39
CA LEU A 122 -14.94 8.83 7.88
C LEU A 122 -15.23 10.17 7.21
N ASP A 123 -14.79 11.26 7.84
CA ASP A 123 -14.92 12.56 7.16
C ASP A 123 -13.61 13.02 6.50
N TYR A 124 -12.52 12.30 6.75
CA TYR A 124 -11.28 12.54 6.01
C TYR A 124 -10.44 11.27 5.95
N LEU A 125 -9.56 11.22 4.95
CA LEU A 125 -8.50 10.20 4.92
C LEU A 125 -7.19 10.83 5.36
N ASP A 126 -6.33 10.05 5.98
CA ASP A 126 -5.01 10.55 6.33
C ASP A 126 -4.11 10.51 5.09
N LEU A 127 -4.39 9.56 4.19
CA LEU A 127 -3.62 9.43 2.96
C LEU A 127 -4.47 8.83 1.83
N TYR A 128 -4.43 9.46 0.66
CA TYR A 128 -5.15 8.96 -0.51
C TYR A 128 -4.13 8.85 -1.63
N LEU A 129 -4.01 7.65 -2.21
CA LEU A 129 -3.03 7.34 -3.23
C LEU A 129 -3.67 7.15 -4.61
N ILE A 130 -2.96 7.54 -5.66
CA ILE A 130 -3.32 7.08 -6.99
C ILE A 130 -2.88 5.61 -7.07
N HIS A 131 -3.84 4.72 -7.27
CA HIS A 131 -3.59 3.28 -7.13
C HIS A 131 -2.58 2.74 -8.14
N TRP A 132 -2.74 3.15 -9.41
CA TRP A 132 -1.83 2.80 -10.51
C TRP A 132 -1.64 4.03 -11.40
N PRO A 133 -0.48 4.15 -12.06
CA PRO A 133 -0.30 5.26 -13.00
C PRO A 133 -1.14 5.10 -14.28
N THR A 134 -1.73 3.93 -14.47
CA THR A 134 -2.56 3.67 -15.66
C THR A 134 -4.02 4.11 -15.47
N GLY A 135 -4.48 5.06 -16.29
CA GLY A 135 -5.91 5.40 -16.29
C GLY A 135 -6.70 4.49 -17.21
N PHE A 136 -7.90 4.09 -16.81
CA PHE A 136 -8.79 3.28 -17.65
C PHE A 136 -10.06 4.07 -17.95
N LYS A 137 -10.78 3.66 -18.99
CA LYS A 137 -12.09 4.24 -19.34
C LYS A 137 -13.06 4.08 -18.17
N PRO A 138 -13.72 5.18 -17.77
CA PRO A 138 -14.70 5.13 -16.67
C PRO A 138 -15.93 4.30 -17.03
N GLY A 139 -16.56 3.73 -16.01
CA GLY A 139 -17.70 2.84 -16.21
C GLY A 139 -17.85 1.93 -15.01
N LYS A 140 -18.74 0.95 -15.12
CA LYS A 140 -18.99 0.05 -13.99
C LYS A 140 -17.84 -0.94 -13.80
N GLU A 141 -17.22 -1.35 -14.91
CA GLU A 141 -16.18 -2.37 -14.88
C GLU A 141 -14.84 -1.79 -14.42
N PHE A 142 -14.23 -2.41 -13.41
CA PHE A 142 -12.91 -1.98 -12.93
C PHE A 142 -11.80 -2.19 -13.97
N PHE A 143 -11.96 -3.18 -14.84
CA PHE A 143 -11.03 -3.37 -15.96
C PHE A 143 -11.83 -3.45 -17.25
N PRO A 144 -12.16 -2.29 -17.83
CA PRO A 144 -12.95 -2.27 -19.06
C PRO A 144 -12.13 -2.85 -20.23
N LEU A 145 -12.67 -3.83 -20.95
CA LEU A 145 -11.92 -4.50 -22.02
C LEU A 145 -12.47 -4.15 -23.40
N ASP A 146 -11.60 -4.14 -24.42
CA ASP A 146 -12.11 -4.08 -25.78
C ASP A 146 -12.49 -5.51 -26.18
N GLU A 147 -13.01 -5.70 -27.38
CA GLU A 147 -13.54 -7.01 -27.77
C GLU A 147 -12.42 -8.05 -27.92
N SER A 148 -11.18 -7.58 -27.96
CA SER A 148 -10.03 -8.47 -28.10
C SER A 148 -9.34 -8.76 -26.78
N GLY A 149 -9.84 -8.17 -25.70
CA GLY A 149 -9.34 -8.47 -24.37
C GLY A 149 -8.36 -7.48 -23.75
N ASN A 150 -7.94 -6.47 -24.50
CA ASN A 150 -7.05 -5.44 -23.95
C ASN A 150 -7.83 -4.46 -23.06
N VAL A 151 -7.16 -3.88 -22.07
CA VAL A 151 -7.81 -2.90 -21.21
C VAL A 151 -7.93 -1.57 -21.94
N VAL A 152 -9.07 -0.91 -21.80
CA VAL A 152 -9.31 0.34 -22.52
C VAL A 152 -8.82 1.55 -21.73
N PRO A 153 -7.75 2.22 -22.23
CA PRO A 153 -7.13 3.34 -21.52
C PRO A 153 -8.01 4.59 -21.45
N SER A 154 -7.61 5.53 -20.58
CA SER A 154 -8.20 6.86 -20.51
C SER A 154 -7.17 7.83 -21.09
N ASP A 155 -7.61 8.90 -21.74
CA ASP A 155 -6.65 9.88 -22.28
C ASP A 155 -6.24 10.92 -21.23
N THR A 156 -6.65 10.72 -19.99
CA THR A 156 -6.39 11.71 -18.97
C THR A 156 -4.94 11.66 -18.52
N ASN A 157 -4.27 12.79 -18.69
CA ASN A 157 -2.89 12.96 -18.28
C ASN A 157 -2.73 12.70 -16.79
N ILE A 158 -1.70 11.94 -16.42
CA ILE A 158 -1.43 11.67 -15.01
C ILE A 158 -1.17 12.96 -14.21
N LEU A 159 -0.72 14.01 -14.89
CA LEU A 159 -0.50 15.31 -14.24
C LEU A 159 -1.83 15.99 -13.93
N ASP A 160 -2.85 15.72 -14.74
CA ASP A 160 -4.16 16.28 -14.46
C ASP A 160 -4.85 15.49 -13.35
N THR A 161 -4.64 14.18 -13.31
CA THR A 161 -5.10 13.40 -12.16
C THR A 161 -4.44 13.93 -10.87
N TRP A 162 -3.16 14.29 -10.95
CA TRP A 162 -2.49 14.83 -9.77
C TRP A 162 -3.08 16.17 -9.31
N ALA A 163 -3.39 17.06 -10.25
CA ALA A 163 -4.04 18.31 -9.90
C ALA A 163 -5.37 18.08 -9.19
N ALA A 164 -6.12 17.07 -9.63
CA ALA A 164 -7.41 16.73 -9.02
C ALA A 164 -7.20 16.19 -7.61
N MET A 165 -6.13 15.43 -7.42
CA MET A 165 -5.79 14.93 -6.09
C MET A 165 -5.46 16.10 -5.18
N GLU A 166 -4.72 17.09 -5.69
CA GLU A 166 -4.35 18.25 -4.89
C GLU A 166 -5.58 19.03 -4.43
N GLU A 167 -6.65 19.02 -5.22
CA GLU A 167 -7.89 19.68 -4.82
C GLU A 167 -8.51 19.04 -3.57
N LEU A 168 -8.43 17.72 -3.46
CA LEU A 168 -8.94 17.00 -2.29
C LEU A 168 -8.27 17.45 -0.99
N VAL A 169 -6.96 17.74 -1.04
CA VAL A 169 -6.26 18.31 0.09
C VAL A 169 -6.85 19.69 0.46
N ASP A 170 -6.94 20.57 -0.52
CA ASP A 170 -7.48 21.92 -0.29
C ASP A 170 -8.95 21.94 0.13
N GLU A 171 -9.68 20.85 -0.13
CA GLU A 171 -11.10 20.73 0.25
C GLU A 171 -11.31 20.05 1.61
N GLY A 172 -10.23 19.55 2.21
CA GLY A 172 -10.32 18.92 3.52
C GLY A 172 -10.73 17.45 3.51
N LEU A 173 -10.85 16.84 2.33
CA LEU A 173 -11.22 15.43 2.25
C LEU A 173 -10.07 14.49 2.60
N VAL A 174 -8.83 14.91 2.31
CA VAL A 174 -7.66 14.11 2.65
C VAL A 174 -6.55 14.98 3.23
N LYS A 175 -5.75 14.43 4.15
CA LYS A 175 -4.66 15.19 4.76
C LYS A 175 -3.38 15.14 3.92
N ALA A 176 -3.25 14.09 3.10
CA ALA A 176 -2.05 13.90 2.29
C ALA A 176 -2.37 13.04 1.08
N ILE A 177 -1.60 13.23 0.02
CA ILE A 177 -1.83 12.49 -1.20
C ILE A 177 -0.53 11.85 -1.67
N GLY A 178 -0.64 10.74 -2.38
CA GLY A 178 0.54 10.01 -2.81
C GLY A 178 0.26 9.14 -4.01
N ILE A 179 1.20 8.26 -4.33
CA ILE A 179 1.11 7.42 -5.51
C ILE A 179 1.39 5.97 -5.17
N SER A 180 1.13 5.09 -6.12
CA SER A 180 1.38 3.66 -5.93
C SER A 180 1.71 3.01 -7.26
N ASN A 181 2.72 2.13 -7.25
CA ASN A 181 3.20 1.48 -8.45
C ASN A 181 3.72 2.44 -9.53
N PHE A 182 4.22 3.61 -9.13
CA PHE A 182 4.90 4.52 -10.05
C PHE A 182 6.38 4.16 -10.15
N ASN A 183 6.87 4.03 -11.38
CA ASN A 183 8.30 3.79 -11.59
C ASN A 183 9.05 5.11 -11.44
N HIS A 184 10.38 5.08 -11.44
CA HIS A 184 11.10 6.31 -11.09
C HIS A 184 10.88 7.47 -12.06
N LEU A 185 10.66 7.19 -13.34
CA LEU A 185 10.35 8.23 -14.33
C LEU A 185 8.97 8.83 -14.14
N GLN A 186 8.02 7.98 -13.74
CA GLN A 186 6.67 8.44 -13.45
C GLN A 186 6.64 9.28 -12.17
N VAL A 187 7.45 8.89 -11.19
CA VAL A 187 7.62 9.70 -9.99
C VAL A 187 8.23 11.05 -10.37
N GLU A 188 9.26 11.00 -11.20
CA GLU A 188 9.94 12.22 -11.66
C GLU A 188 8.98 13.16 -12.41
N MET A 189 8.09 12.57 -13.20
CA MET A 189 7.07 13.32 -13.93
C MET A 189 6.21 14.19 -13.00
N ILE A 190 5.83 13.63 -11.86
CA ILE A 190 5.03 14.40 -10.90
C ILE A 190 5.85 15.48 -10.21
N LEU A 191 7.04 15.11 -9.72
CA LEU A 191 7.93 16.07 -9.07
C LEU A 191 8.28 17.25 -10.00
N ASN A 192 8.27 17.00 -11.31
CA ASN A 192 8.54 18.06 -12.28
C ASN A 192 7.28 18.69 -12.87
N LYS A 193 6.11 18.37 -12.33
CA LYS A 193 4.87 18.95 -12.84
C LYS A 193 4.89 20.47 -12.71
N PRO A 194 4.61 21.19 -13.81
CA PRO A 194 4.49 22.65 -13.77
C PRO A 194 3.41 23.05 -12.78
N GLY A 195 3.72 23.95 -11.85
CA GLY A 195 2.74 24.43 -10.88
C GLY A 195 2.41 23.42 -9.79
N LEU A 196 3.27 22.42 -9.62
CA LEU A 196 3.10 21.43 -8.55
C LEU A 196 2.82 22.11 -7.20
N LYS A 197 1.72 21.73 -6.56
CA LYS A 197 1.29 22.37 -5.32
C LYS A 197 1.64 21.49 -4.12
N TYR A 198 1.39 20.19 -4.22
CA TYR A 198 1.74 19.28 -3.14
C TYR A 198 2.52 18.09 -3.70
N LYS A 199 3.71 17.84 -3.17
CA LYS A 199 4.47 16.66 -3.54
C LYS A 199 3.80 15.36 -3.04
N PRO A 200 4.05 14.24 -3.75
CA PRO A 200 3.57 12.95 -3.23
C PRO A 200 4.22 12.67 -1.87
N ALA A 201 3.43 12.36 -0.84
CA ALA A 201 4.03 12.05 0.47
C ALA A 201 4.58 10.62 0.51
N VAL A 202 4.01 9.75 -0.33
CA VAL A 202 4.26 8.32 -0.26
C VAL A 202 4.22 7.69 -1.64
N ASN A 203 5.12 6.74 -1.90
CA ASN A 203 4.94 5.82 -3.03
C ASN A 203 4.82 4.41 -2.46
N GLN A 204 3.69 3.74 -2.71
CA GLN A 204 3.49 2.40 -2.18
C GLN A 204 3.80 1.37 -3.28
N ILE A 205 4.80 0.53 -3.02
CA ILE A 205 5.33 -0.40 -4.02
C ILE A 205 5.55 -1.81 -3.44
N GLU A 206 5.48 -2.82 -4.30
CA GLU A 206 5.81 -4.17 -3.88
C GLU A 206 7.26 -4.21 -3.37
N CYS A 207 7.50 -4.91 -2.26
CA CYS A 207 8.84 -5.00 -1.67
C CYS A 207 8.96 -6.15 -0.69
N HIS A 208 9.88 -7.06 -0.96
CA HIS A 208 10.13 -8.21 -0.10
C HIS A 208 11.52 -8.75 -0.49
N PRO A 209 12.05 -9.78 0.21
CA PRO A 209 13.42 -10.17 -0.13
C PRO A 209 13.62 -10.70 -1.56
N TYR A 210 12.56 -11.05 -2.29
CA TYR A 210 12.72 -11.52 -3.67
C TYR A 210 12.55 -10.38 -4.69
N LEU A 211 12.18 -9.20 -4.20
CA LEU A 211 12.06 -7.98 -5.01
C LEU A 211 12.43 -6.81 -4.11
N THR A 212 13.72 -6.56 -3.96
CA THR A 212 14.21 -5.64 -2.93
C THR A 212 14.09 -4.17 -3.28
N GLN A 213 14.08 -3.85 -4.58
CA GLN A 213 13.75 -2.49 -5.02
C GLN A 213 14.72 -1.38 -4.58
N GLU A 214 16.01 -1.69 -4.48
CA GLU A 214 17.02 -0.70 -4.05
C GLU A 214 17.00 0.60 -4.84
N LYS A 215 16.91 0.51 -6.16
CA LYS A 215 17.00 1.72 -7.00
C LYS A 215 15.80 2.66 -6.81
N LEU A 216 14.59 2.11 -6.88
CA LEU A 216 13.40 2.93 -6.73
C LEU A 216 13.28 3.50 -5.32
N ILE A 217 13.63 2.70 -4.32
CA ILE A 217 13.56 3.15 -2.93
C ILE A 217 14.51 4.30 -2.64
N GLN A 218 15.78 4.15 -3.04
CA GLN A 218 16.75 5.21 -2.81
C GLN A 218 16.38 6.50 -3.58
N TYR A 219 15.86 6.34 -4.79
CA TYR A 219 15.39 7.51 -5.53
C TYR A 219 14.30 8.25 -4.77
N CYS A 220 13.25 7.53 -4.38
CA CYS A 220 12.15 8.12 -3.63
C CYS A 220 12.65 8.73 -2.33
N GLN A 221 13.47 8.00 -1.57
CA GLN A 221 13.98 8.54 -0.29
C GLN A 221 14.87 9.76 -0.51
N SER A 222 15.59 9.80 -1.62
CA SER A 222 16.40 10.96 -1.96
C SER A 222 15.52 12.19 -2.25
N LYS A 223 14.28 11.93 -2.66
CA LYS A 223 13.34 13.02 -2.96
C LYS A 223 12.45 13.37 -1.75
N GLY A 224 12.59 12.63 -0.67
CA GLY A 224 11.82 12.89 0.53
C GLY A 224 10.44 12.25 0.49
N ILE A 225 10.28 11.29 -0.41
CA ILE A 225 9.06 10.50 -0.49
C ILE A 225 9.20 9.23 0.33
N VAL A 226 8.24 9.01 1.21
CA VAL A 226 8.26 7.82 2.05
C VAL A 226 7.75 6.61 1.29
N VAL A 227 8.50 5.51 1.38
CA VAL A 227 8.10 4.29 0.67
C VAL A 227 7.34 3.32 1.59
N THR A 228 6.18 2.85 1.12
CA THR A 228 5.45 1.78 1.81
C THR A 228 5.66 0.48 1.05
N ALA A 229 6.11 -0.53 1.77
CA ALA A 229 6.33 -1.86 1.21
C ALA A 229 5.05 -2.67 1.27
N TYR A 230 4.49 -2.99 0.11
CA TYR A 230 3.36 -3.92 0.10
C TYR A 230 3.76 -5.35 -0.28
N SER A 231 2.86 -6.30 -0.01
CA SER A 231 3.13 -7.74 -0.17
C SER A 231 4.46 -8.17 0.48
N PRO A 232 4.67 -7.83 1.76
CA PRO A 232 5.99 -8.11 2.31
C PRO A 232 6.18 -9.58 2.61
N LEU A 233 5.11 -10.38 2.58
CA LEU A 233 5.27 -11.83 2.74
C LEU A 233 5.14 -12.51 1.37
N GLY A 234 5.12 -11.70 0.32
CA GLY A 234 5.06 -12.22 -1.03
C GLY A 234 3.67 -12.64 -1.50
N SER A 235 2.65 -12.19 -0.76
CA SER A 235 1.25 -12.39 -1.15
C SER A 235 0.93 -13.83 -1.56
N PRO A 236 1.15 -14.79 -0.65
CA PRO A 236 0.93 -16.19 -1.01
C PRO A 236 -0.52 -16.51 -1.34
N ASP A 237 -1.46 -15.66 -0.91
CA ASP A 237 -2.89 -15.84 -1.22
C ASP A 237 -3.36 -15.12 -2.49
N ARG A 238 -2.43 -14.53 -3.24
CA ARG A 238 -2.79 -13.93 -4.52
C ARG A 238 -3.44 -15.01 -5.39
N PRO A 239 -4.47 -14.63 -6.16
CA PRO A 239 -5.29 -15.55 -6.97
C PRO A 239 -4.54 -16.26 -8.08
N TRP A 240 -3.47 -15.66 -8.58
CA TRP A 240 -2.75 -16.23 -9.74
C TRP A 240 -1.49 -16.97 -9.31
N ALA A 241 -1.39 -17.28 -8.02
CA ALA A 241 -0.24 -18.04 -7.54
C ALA A 241 -0.26 -19.44 -8.14
N LYS A 242 0.92 -19.96 -8.46
CA LYS A 242 1.07 -21.33 -8.96
C LYS A 242 1.65 -22.20 -7.86
N PRO A 243 1.31 -23.51 -7.85
CA PRO A 243 1.77 -24.41 -6.78
C PRO A 243 3.30 -24.50 -6.69
N GLU A 244 3.99 -24.21 -7.78
CA GLU A 244 5.45 -24.33 -7.78
C GLU A 244 6.15 -23.02 -7.45
N ASP A 245 5.36 -21.95 -7.31
CA ASP A 245 5.91 -20.62 -7.01
C ASP A 245 6.63 -20.61 -5.66
N PRO A 246 7.73 -19.85 -5.57
CA PRO A 246 8.47 -19.66 -4.32
C PRO A 246 7.59 -19.13 -3.19
N SER A 247 7.99 -19.45 -1.96
CA SER A 247 7.29 -19.02 -0.77
C SER A 247 8.30 -18.42 0.20
N LEU A 248 8.20 -17.12 0.45
CA LEU A 248 9.05 -16.45 1.43
C LEU A 248 8.91 -17.07 2.83
N LEU A 249 7.68 -17.34 3.25
CA LEU A 249 7.41 -17.89 4.57
C LEU A 249 8.06 -19.26 4.82
N GLU A 250 8.36 -19.98 3.75
CA GLU A 250 8.97 -21.30 3.87
C GLU A 250 10.43 -21.38 3.39
N ASP A 251 11.02 -20.23 3.08
CA ASP A 251 12.42 -20.15 2.68
C ASP A 251 13.31 -20.57 3.87
N PRO A 252 14.10 -21.65 3.73
CA PRO A 252 14.86 -22.16 4.88
C PRO A 252 15.90 -21.16 5.39
N ARG A 253 16.35 -20.28 4.51
CA ARG A 253 17.35 -19.28 4.85
C ARG A 253 16.74 -18.21 5.74
N ILE A 254 15.47 -17.90 5.50
CA ILE A 254 14.76 -16.91 6.30
C ILE A 254 14.35 -17.54 7.62
N LYS A 255 13.92 -18.81 7.56
CA LYS A 255 13.61 -19.58 8.76
C LYS A 255 14.79 -19.62 9.73
N ALA A 256 16.00 -19.79 9.21
CA ALA A 256 17.21 -19.78 10.04
C ALA A 256 17.40 -18.45 10.79
N ILE A 257 17.36 -17.35 10.05
CA ILE A 257 17.41 -16.02 10.65
C ILE A 257 16.33 -15.82 11.73
N ALA A 258 15.11 -16.26 11.45
CA ALA A 258 14.01 -16.18 12.41
C ALA A 258 14.31 -17.00 13.68
N ALA A 259 14.67 -18.25 13.49
CA ALA A 259 15.02 -19.13 14.61
C ALA A 259 16.11 -18.52 15.49
N LYS A 260 17.13 -17.95 14.86
CA LYS A 260 18.23 -17.32 15.59
C LYS A 260 17.72 -16.24 16.54
N HIS A 261 16.72 -15.48 16.09
CA HIS A 261 16.18 -14.38 16.89
C HIS A 261 14.99 -14.80 17.76
N ASN A 262 14.68 -16.09 17.77
CA ASN A 262 13.47 -16.58 18.44
C ASN A 262 12.20 -15.85 17.98
N LYS A 263 12.09 -15.61 16.67
CA LYS A 263 10.88 -15.00 16.12
C LYS A 263 10.36 -15.87 14.99
N THR A 264 9.17 -15.56 14.49
CA THR A 264 8.64 -16.30 13.34
C THR A 264 9.18 -15.73 12.04
N THR A 265 9.01 -16.49 10.97
CA THR A 265 9.45 -16.06 9.65
C THR A 265 8.71 -14.79 9.21
N ALA A 266 7.42 -14.71 9.53
CA ALA A 266 6.64 -13.50 9.21
C ALA A 266 7.15 -12.28 9.95
N GLN A 267 7.55 -12.45 11.22
CA GLN A 267 8.05 -11.33 11.99
C GLN A 267 9.37 -10.78 11.43
N VAL A 268 10.23 -11.67 10.94
CA VAL A 268 11.47 -11.27 10.28
C VAL A 268 11.18 -10.47 9.01
N LEU A 269 10.24 -10.98 8.22
CA LEU A 269 9.86 -10.38 6.94
C LEU A 269 9.23 -9.00 7.13
N ILE A 270 8.60 -8.80 8.27
CA ILE A 270 7.94 -7.53 8.58
C ILE A 270 8.96 -6.54 9.14
N ARG A 271 9.85 -7.04 9.99
CA ARG A 271 10.91 -6.20 10.57
C ARG A 271 11.93 -5.72 9.53
N PHE A 272 12.11 -6.52 8.49
CA PHE A 272 13.06 -6.25 7.41
C PHE A 272 12.86 -4.86 6.75
N PRO A 273 11.66 -4.57 6.20
CA PRO A 273 11.49 -3.24 5.60
C PRO A 273 11.47 -2.11 6.63
N MET A 274 11.07 -2.41 7.86
CA MET A 274 11.10 -1.40 8.91
C MET A 274 12.50 -0.83 9.12
N GLN A 275 13.50 -1.71 9.06
CA GLN A 275 14.89 -1.26 9.23
C GLN A 275 15.49 -0.65 7.95
N ARG A 276 14.68 -0.52 6.90
CA ARG A 276 15.12 0.19 5.69
C ARG A 276 14.42 1.55 5.65
N ASN A 277 13.82 1.93 6.78
CA ASN A 277 13.04 3.16 6.89
C ASN A 277 11.79 3.16 5.98
N LEU A 278 11.21 1.98 5.80
CA LEU A 278 9.97 1.86 5.03
C LEU A 278 8.79 1.65 5.97
N VAL A 279 7.60 1.96 5.47
CA VAL A 279 6.35 1.56 6.12
C VAL A 279 5.99 0.19 5.56
N VAL A 280 5.34 -0.67 6.36
CA VAL A 280 5.01 -2.01 5.87
C VAL A 280 3.59 -2.40 6.27
N ILE A 281 2.88 -3.09 5.37
CA ILE A 281 1.45 -3.34 5.58
C ILE A 281 1.02 -4.80 5.32
N PRO A 282 1.46 -5.72 6.19
CA PRO A 282 1.12 -7.13 6.01
C PRO A 282 -0.38 -7.35 6.20
N LYS A 283 -0.97 -8.19 5.36
CA LYS A 283 -2.40 -8.49 5.41
C LYS A 283 -2.61 -9.80 6.16
N SER A 284 -3.61 -9.83 7.04
CA SER A 284 -4.11 -11.10 7.56
C SER A 284 -5.56 -10.96 8.05
N VAL A 285 -6.33 -12.03 7.93
CA VAL A 285 -7.66 -12.07 8.57
C VAL A 285 -7.67 -13.10 9.70
N THR A 286 -6.49 -13.59 10.06
CA THR A 286 -6.36 -14.59 11.13
C THR A 286 -5.95 -13.89 12.42
N PRO A 287 -6.84 -13.89 13.43
CA PRO A 287 -6.57 -13.12 14.65
C PRO A 287 -5.21 -13.40 15.29
N GLU A 288 -4.77 -14.65 15.31
CA GLU A 288 -3.48 -14.99 15.91
C GLU A 288 -2.30 -14.39 15.14
N ARG A 289 -2.41 -14.39 13.82
CA ARG A 289 -1.34 -13.88 12.97
C ARG A 289 -1.35 -12.37 13.00
N ILE A 290 -2.54 -11.78 13.03
CA ILE A 290 -2.68 -10.33 13.19
C ILE A 290 -1.93 -9.88 14.46
N ALA A 291 -2.16 -10.58 15.56
CA ALA A 291 -1.43 -10.29 16.81
C ALA A 291 0.09 -10.54 16.67
N GLU A 292 0.48 -11.68 16.13
CA GLU A 292 1.88 -12.05 15.93
C GLU A 292 2.61 -11.02 15.06
N ASN A 293 1.94 -10.57 14.01
CA ASN A 293 2.52 -9.63 13.06
C ASN A 293 2.85 -8.28 13.67
N PHE A 294 2.15 -7.94 14.75
CA PHE A 294 2.39 -6.66 15.42
C PHE A 294 3.58 -6.69 16.41
N LYS A 295 4.00 -7.89 16.79
CA LYS A 295 5.08 -8.04 17.78
C LYS A 295 6.47 -8.03 17.14
N VAL A 296 6.81 -6.90 16.54
CA VAL A 296 8.06 -6.77 15.79
C VAL A 296 8.88 -5.57 16.27
N PHE A 297 8.50 -5.02 17.42
CA PHE A 297 9.19 -3.85 17.94
C PHE A 297 10.20 -4.21 19.05
N ASP A 298 10.30 -5.49 19.37
CA ASP A 298 11.11 -5.93 20.52
C ASP A 298 12.39 -6.67 20.14
N PHE A 299 12.79 -6.62 18.88
CA PHE A 299 14.04 -7.24 18.46
C PHE A 299 14.61 -6.50 17.27
N GLU A 300 15.86 -6.76 16.97
CA GLU A 300 16.56 -6.05 15.92
C GLU A 300 17.31 -7.04 15.04
N LEU A 301 17.18 -6.88 13.73
CA LEU A 301 18.00 -7.60 12.77
C LEU A 301 19.37 -6.92 12.66
N SER A 302 20.44 -7.71 12.62
CA SER A 302 21.77 -7.16 12.47
C SER A 302 21.93 -6.61 11.05
N SER A 303 22.93 -5.75 10.85
CA SER A 303 23.29 -5.28 9.52
C SER A 303 23.60 -6.46 8.58
N GLN A 304 24.24 -7.49 9.14
CA GLN A 304 24.53 -8.72 8.41
C GLN A 304 23.25 -9.47 8.00
N ASP A 305 22.26 -9.52 8.90
CA ASP A 305 20.96 -10.11 8.61
C ASP A 305 20.30 -9.33 7.48
N MET A 306 20.33 -8.00 7.58
CA MET A 306 19.73 -7.13 6.57
C MET A 306 20.33 -7.33 5.18
N THR A 307 21.66 -7.32 5.10
CA THR A 307 22.38 -7.52 3.85
C THR A 307 22.16 -8.93 3.28
N THR A 308 22.13 -9.92 4.16
CA THR A 308 21.79 -11.29 3.75
C THR A 308 20.39 -11.39 3.15
N LEU A 309 19.41 -10.77 3.82
CA LEU A 309 18.05 -10.77 3.29
C LEU A 309 17.97 -10.04 1.95
N LEU A 310 18.72 -8.95 1.82
CA LEU A 310 18.77 -8.20 0.58
C LEU A 310 19.39 -9.04 -0.55
N SER A 311 20.32 -9.94 -0.21
CA SER A 311 20.99 -10.78 -1.22
C SER A 311 20.04 -11.76 -1.91
N TYR A 312 18.83 -11.92 -1.38
CA TYR A 312 17.90 -12.92 -1.90
C TYR A 312 17.08 -12.40 -3.09
N ASN A 313 17.28 -11.13 -3.46
CA ASN A 313 16.59 -10.53 -4.60
C ASN A 313 16.71 -11.34 -5.89
N ARG A 314 15.57 -11.61 -6.50
CA ARG A 314 15.50 -12.36 -7.75
C ARG A 314 14.69 -11.58 -8.78
N ASN A 315 14.36 -10.33 -8.44
CA ASN A 315 13.49 -9.50 -9.25
C ASN A 315 12.17 -10.19 -9.53
N TRP A 316 11.64 -10.86 -8.50
CA TRP A 316 10.44 -11.64 -8.62
C TRP A 316 9.24 -10.81 -8.18
N ARG A 317 8.45 -10.40 -9.16
CA ARG A 317 7.35 -9.49 -8.93
C ARG A 317 6.04 -10.27 -8.93
N VAL A 318 5.24 -10.13 -7.87
CA VAL A 318 3.98 -10.85 -7.80
C VAL A 318 2.78 -10.05 -8.29
N CYS A 319 2.86 -8.73 -8.21
CA CYS A 319 1.80 -7.88 -8.74
C CYS A 319 2.29 -7.17 -9.98
N ALA A 320 2.24 -7.87 -11.11
CA ALA A 320 2.75 -7.32 -12.35
C ALA A 320 1.67 -6.67 -13.22
N LEU A 321 0.40 -6.83 -12.84
CA LEU A 321 -0.73 -6.29 -13.62
C LEU A 321 -0.61 -6.74 -15.08
N LEU A 322 -0.51 -8.06 -15.27
CA LEU A 322 -0.15 -8.62 -16.58
C LEU A 322 -1.14 -8.28 -17.69
N SER A 323 -2.39 -8.05 -17.34
CA SER A 323 -3.43 -7.75 -18.31
C SER A 323 -3.30 -6.35 -18.92
N CYS A 324 -2.40 -5.53 -18.38
CA CYS A 324 -2.25 -4.14 -18.82
C CYS A 324 -0.87 -3.80 -19.38
N THR A 325 -0.12 -4.82 -19.81
CA THR A 325 1.23 -4.62 -20.32
C THR A 325 1.27 -3.78 -21.60
N SER A 326 0.15 -3.73 -22.29
CA SER A 326 0.01 -2.95 -23.52
C SER A 326 -0.36 -1.49 -23.24
N HIS A 327 -0.77 -1.20 -22.02
CA HIS A 327 -1.14 0.17 -21.64
C HIS A 327 0.07 1.08 -21.73
N LYS A 328 -0.14 2.28 -22.26
CA LYS A 328 0.90 3.28 -22.43
C LYS A 328 1.69 3.59 -21.14
N ASP A 329 1.00 3.60 -20.00
CA ASP A 329 1.62 3.96 -18.74
C ASP A 329 1.95 2.76 -17.84
N TYR A 330 2.02 1.57 -18.42
CA TYR A 330 2.38 0.39 -17.65
C TYR A 330 3.76 0.62 -17.04
N PRO A 331 3.89 0.49 -15.70
CA PRO A 331 5.09 0.98 -15.02
C PRO A 331 6.30 0.03 -15.01
N PHE A 332 6.12 -1.23 -15.40
CA PHE A 332 7.17 -2.24 -15.17
C PHE A 332 7.95 -2.69 -16.42
N HIS A 333 7.85 -1.95 -17.52
CA HIS A 333 8.76 -2.17 -18.65
C HIS A 333 10.10 -1.57 -18.30
N GLU A 334 10.05 -0.42 -17.63
CA GLU A 334 11.24 0.28 -17.17
C GLU A 334 11.96 -0.55 -16.12
N GLU A 335 13.29 -0.43 -16.10
CA GLU A 335 14.11 -1.19 -15.14
C GLU A 335 13.74 -0.89 -13.69
N PHE A 336 13.54 0.38 -13.36
CA PHE A 336 13.09 0.75 -12.02
C PHE A 336 12.30 2.05 -12.06
PA NAP B . 1.02 -10.22 2.13
O1A NAP B . 2.44 -10.38 1.66
O2A NAP B . 0.70 -9.27 3.26
O5B NAP B . 0.56 -11.70 2.60
C5B NAP B . -0.76 -12.02 3.03
C4B NAP B . -0.87 -13.54 3.14
O4B NAP B . 0.05 -13.98 4.15
C3B NAP B . -2.24 -14.02 3.58
O3B NAP B . -2.46 -15.27 2.93
C2B NAP B . -2.11 -14.26 5.06
O2B NAP B . -2.98 -15.29 5.52
C1B NAP B . -0.65 -14.69 5.18
N9A NAP B . -0.08 -14.33 6.49
C8A NAP B . -0.16 -13.14 7.10
N7A NAP B . 0.48 -13.21 8.29
C5A NAP B . 0.95 -14.47 8.43
C6A NAP B . 1.68 -15.11 9.42
N6A NAP B . 2.04 -14.46 10.55
N1A NAP B . 1.98 -16.41 9.25
C2A NAP B . 1.63 -17.07 8.13
N3A NAP B . 0.94 -16.47 7.16
C4A NAP B . 0.59 -15.16 7.28
O3 NAP B . 0.11 -10.02 0.83
PN NAP B . -0.75 -8.77 0.26
O1N NAP B . -2.17 -8.81 0.77
O2N NAP B . -0.60 -8.87 -1.25
O5D NAP B . 0.01 -7.42 0.75
C5D NAP B . -0.36 -6.76 1.96
C4D NAP B . -1.20 -5.52 1.66
O4D NAP B . -0.52 -4.61 0.80
C3D NAP B . -2.47 -5.83 0.88
O3D NAP B . -3.49 -6.49 1.64
C2D NAP B . -2.81 -4.44 0.38
O2D NAP B . -3.33 -3.69 1.48
C1D NAP B . -1.47 -3.88 -0.01
N1N NAP B . -1.22 -4.06 -1.46
C2N NAP B . -1.23 -2.99 -2.27
C3N NAP B . -1.02 -3.12 -3.64
C7N NAP B . -1.02 -1.90 -4.53
O7N NAP B . -1.10 -2.01 -5.75
N7N NAP B . -0.87 -0.73 -3.93
C4N NAP B . -0.80 -4.39 -4.19
C5N NAP B . -0.77 -5.49 -3.34
C6N NAP B . -0.99 -5.29 -1.98
P2B NAP B . -4.36 -14.99 6.33
O1X NAP B . -4.87 -13.69 5.78
O2X NAP B . -5.22 -16.18 5.90
O3X NAP B . -3.97 -14.98 7.78
C3 3GR C . -3.36 -5.97 -7.45
O3 3GR C . -2.90 -6.06 -8.81
C2 3GR C . -3.51 -4.51 -6.99
O2 3GR C . -4.41 -3.82 -7.88
C1 3GR C . -4.05 -4.48 -5.58
O1 3GR C . -3.74 -3.62 -4.77
C5 0PY D . -9.91 -14.98 -8.75
N1 0PY D . -10.23 -15.27 -7.47
C4 0PY D . -9.80 -13.65 -9.17
C3 0PY D . -10.01 -12.64 -8.27
C2 0PY D . -10.35 -12.94 -6.95
C1 0PY D . -10.45 -14.28 -6.58
#